data_6MXT
#
_entry.id   6MXT
#
_cell.length_a   178.682
_cell.length_b   52.589
_cell.length_c   125.917
_cell.angle_alpha   90.0
_cell.angle_beta   123.859
_cell.angle_gamma   90.0
#
_symmetry.space_group_name_H-M   'C 1 2 1'
#
loop_
_entity.id
_entity.type
_entity.pdbx_description
1 polymer 'Endolysin, Beta-2 adrenergic receptor chimera'
2 polymer 'nanobody Nb71'
3 non-polymer salmeterol
4 non-polymer 'MAGNESIUM ION'
5 non-polymer 'NICKEL (II) ION'
6 non-polymer '(2R)-2,3-dihydroxypropyl (9Z)-octadec-9-enoate'
7 non-polymer HEPTANE-1,2,3-TRIOL
8 non-polymer 'OLEIC ACID'
9 non-polymer 3,6,9,12,15,18-HEXAOXAICOSANE-1,20-DIOL
10 water water
#
loop_
_entity_poly.entity_id
_entity_poly.type
_entity_poly.pdbx_seq_one_letter_code
_entity_poly.pdbx_strand_id
1 'polypeptide(L)'
;GNIFEMLRIDEGLRLKIYKDTEGYYTIGIGHLLTKSPSLNAAKSELDKAIGRNTNGVITKDEAEKLFNQDVDAAVRGILR
NAKLKPVYDSLDAVRRAALINMVFQMGETGVAGFTNSLRMLQQKRWDEAAVNLAKSRWYNQTPNRAKRVITTFRTGTWDA
YAADEVWVVGMGIVMSLIVLAIVFGNVLVITAIAKFERLQTVTNYFITSLACADLVMGLAVVPFGAAHILTKTWTFGNFW
CEFWTSIDVLCVTASIETLCVIAVDRYFAITSPFKYQSLLTKNKARVIILMVWIVSGLTSFLPIQMHWYRATHQEAINCY
AEETCCDFFTNQAYAIASSIVSFYVPLVIMVFVYSRVFQEAKRQLQKIDKF(YCM)LKEHKALKTLGIIMGTFTLCWLPF
FIVNIVHVIQDNLIRKEVYILLNWIGYVNSGFNPLIYCRSPDFRIAFQELL(YCM)LRRSSLKAYGNGYSSNGNTGEQSG
;
A
2 'polypeptide(L)'
;QVQLQESGGGLVQPGGSLRLSCAASGFAFSSYELRWYRQAPGKQHELVAGITTGGNTYYADSVKGRFTISRDNAKNTVYL
QMSNLRPEDTAVYACNANWDLLSDYWGQGTQVTVSSHHHHHH
;
N
#
loop_
_chem_comp.id
_chem_comp.type
_chem_comp.name
_chem_comp.formula
HTO non-polymer HEPTANE-1,2,3-TRIOL 'C7 H16 O3'
K5Y non-polymer salmeterol 'C25 H37 N O4'
MG non-polymer 'MAGNESIUM ION' 'Mg 2'
NI non-polymer 'NICKEL (II) ION' 'Ni 2'
OLA non-polymer 'OLEIC ACID' 'C18 H34 O2'
OLC non-polymer '(2R)-2,3-dihydroxypropyl (9Z)-octadec-9-enoate' 'C21 H40 O4'
P33 non-polymer 3,6,9,12,15,18-HEXAOXAICOSANE-1,20-DIOL 'C14 H30 O8'
#
# COMPACT_ATOMS: atom_id res chain seq x y z
N GLY A 1 -12.33 36.25 11.43
CA GLY A 1 -12.95 36.73 10.22
C GLY A 1 -13.16 35.63 9.19
N ASN A 2 -14.26 35.71 8.47
CA ASN A 2 -14.59 34.69 7.46
C ASN A 2 -13.85 34.91 6.15
N ILE A 3 -13.54 36.16 5.84
CA ILE A 3 -12.76 36.49 4.65
C ILE A 3 -11.38 35.84 4.73
N PHE A 4 -10.85 35.74 5.95
CA PHE A 4 -9.56 35.11 6.18
C PHE A 4 -9.64 33.60 5.95
N GLU A 5 -10.73 32.98 6.42
CA GLU A 5 -10.94 31.55 6.21
C GLU A 5 -11.27 31.26 4.75
N MET A 6 -12.02 32.16 4.13
CA MET A 6 -12.41 32.03 2.73
C MET A 6 -11.19 31.98 1.81
N LEU A 7 -10.22 32.86 2.06
CA LEU A 7 -9.02 32.94 1.24
C LEU A 7 -8.03 31.80 1.55
N ARG A 8 -8.09 31.29 2.78
CA ARG A 8 -7.21 30.19 3.17
C ARG A 8 -7.51 28.92 2.37
N ILE A 9 -8.78 28.71 2.07
CA ILE A 9 -9.18 27.53 1.31
C ILE A 9 -9.37 27.86 -0.16
N ASP A 10 -8.94 29.05 -0.56
CA ASP A 10 -8.92 29.45 -1.96
C ASP A 10 -7.49 29.50 -2.47
N GLU A 11 -6.56 29.86 -1.58
CA GLU A 11 -5.17 30.00 -1.95
C GLU A 11 -4.29 28.92 -1.33
N GLY A 12 -4.86 28.19 -0.36
CA GLY A 12 -4.12 27.16 0.35
C GLY A 12 -2.98 27.78 1.15
N LEU A 13 -1.89 27.02 1.30
CA LEU A 13 -0.71 27.52 1.99
C LEU A 13 0.52 26.72 1.59
N ARG A 14 1.51 27.41 1.04
CA ARG A 14 2.78 26.79 0.67
C ARG A 14 3.95 27.63 1.16
N LEU A 15 4.82 27.03 1.94
CA LEU A 15 5.92 27.75 2.57
C LEU A 15 7.11 27.95 1.63
N LYS A 16 7.02 27.40 0.43
CA LYS A 16 8.05 27.58 -0.57
C LYS A 16 7.46 28.28 -1.80
N ILE A 17 8.31 28.98 -2.55
CA ILE A 17 7.87 29.70 -3.74
C ILE A 17 7.34 28.74 -4.81
N TYR A 18 6.14 29.03 -5.31
CA TYR A 18 5.54 28.22 -6.36
C TYR A 18 4.94 29.11 -7.44
N LYS A 19 4.41 28.48 -8.48
CA LYS A 19 3.77 29.21 -9.57
C LYS A 19 2.26 28.97 -9.54
N ASP A 20 1.49 30.05 -9.55
CA ASP A 20 0.04 29.95 -9.50
C ASP A 20 -0.52 29.54 -10.86
N THR A 21 -1.82 29.79 -11.06
CA THR A 21 -2.50 29.41 -12.30
C THR A 21 -1.98 30.19 -13.51
N GLU A 22 -1.60 31.45 -13.28
CA GLU A 22 -1.12 32.31 -14.36
C GLU A 22 0.37 32.14 -14.59
N GLY A 23 1.01 31.32 -13.77
CA GLY A 23 2.43 31.06 -13.89
C GLY A 23 3.27 32.13 -13.22
N TYR A 24 2.69 32.79 -12.22
CA TYR A 24 3.39 33.83 -11.48
C TYR A 24 3.93 33.29 -10.16
N TYR A 25 5.12 33.76 -9.78
CA TYR A 25 5.75 33.30 -8.55
C TYR A 25 4.97 33.75 -7.32
N THR A 26 4.38 32.77 -6.63
CA THR A 26 3.57 33.03 -5.46
C THR A 26 4.15 32.28 -4.26
N ILE A 27 3.86 32.75 -3.05
CA ILE A 27 4.30 32.07 -1.84
C ILE A 27 3.33 32.34 -0.70
N GLY A 28 3.33 31.48 0.31
CA GLY A 28 2.45 31.62 1.44
C GLY A 28 1.00 31.38 1.08
N ILE A 29 0.12 32.22 1.59
CA ILE A 29 -1.30 32.13 1.28
C ILE A 29 -1.67 33.07 0.14
N GLY A 30 -1.21 32.73 -1.06
CA GLY A 30 -1.54 33.48 -2.25
C GLY A 30 -0.93 34.87 -2.32
N HIS A 31 0.33 34.99 -1.92
CA HIS A 31 1.03 36.28 -2.02
C HIS A 31 1.88 36.35 -3.28
N LEU A 32 1.40 37.10 -4.27
CA LEU A 32 2.13 37.32 -5.50
C LEU A 32 3.46 38.02 -5.24
N LEU A 33 4.56 37.38 -5.64
CA LEU A 33 5.88 37.97 -5.47
C LEU A 33 6.22 38.87 -6.64
N THR A 34 6.04 38.37 -7.85
CA THR A 34 6.31 39.13 -9.07
C THR A 34 5.64 38.50 -10.27
N LYS A 35 5.35 39.31 -11.28
CA LYS A 35 4.77 38.83 -12.52
C LYS A 35 5.86 38.50 -13.53
N SER A 36 7.11 38.61 -13.07
CA SER A 36 8.27 38.31 -13.89
C SER A 36 8.64 36.84 -13.77
N PRO A 37 9.12 36.23 -14.86
CA PRO A 37 9.54 34.82 -14.82
C PRO A 37 10.91 34.63 -14.20
N SER A 38 11.48 35.69 -13.63
CA SER A 38 12.78 35.60 -12.97
C SER A 38 12.64 35.14 -11.52
N LEU A 39 13.21 33.99 -11.23
CA LEU A 39 13.18 33.45 -9.88
C LEU A 39 13.94 34.35 -8.90
N ASN A 40 15.03 34.93 -9.39
CA ASN A 40 15.85 35.83 -8.58
C ASN A 40 15.10 37.10 -8.23
N ALA A 41 14.26 37.57 -9.14
CA ALA A 41 13.42 38.74 -8.89
C ALA A 41 12.35 38.41 -7.85
N ALA A 42 11.84 37.19 -7.92
CA ALA A 42 10.85 36.70 -6.97
C ALA A 42 11.46 36.52 -5.60
N LYS A 43 12.65 35.93 -5.57
CA LYS A 43 13.35 35.67 -4.33
C LYS A 43 13.78 36.98 -3.65
N SER A 44 14.08 37.98 -4.46
CA SER A 44 14.46 39.29 -3.95
C SER A 44 13.25 40.01 -3.34
N GLU A 45 12.10 39.87 -3.98
CA GLU A 45 10.87 40.47 -3.48
C GLU A 45 10.42 39.83 -2.17
N LEU A 46 10.66 38.52 -2.05
CA LEU A 46 10.31 37.80 -0.85
C LEU A 46 11.18 38.24 0.32
N ASP A 47 12.46 38.44 0.06
CA ASP A 47 13.40 38.89 1.08
C ASP A 47 13.04 40.28 1.59
N LYS A 48 12.66 41.16 0.67
CA LYS A 48 12.25 42.51 1.01
C LYS A 48 10.93 42.50 1.78
N ALA A 49 10.02 41.61 1.39
CA ALA A 49 8.71 41.53 2.02
C ALA A 49 8.79 41.00 3.44
N ILE A 50 9.68 40.04 3.66
CA ILE A 50 9.83 39.41 4.97
C ILE A 50 10.80 40.21 5.86
N GLY A 51 11.96 40.53 5.33
CA GLY A 51 12.94 41.31 6.06
C GLY A 51 14.16 40.50 6.47
N ARG A 52 14.38 39.40 5.76
CA ARG A 52 15.52 38.52 6.05
C ARG A 52 15.89 37.72 4.81
N ASN A 53 16.97 36.96 4.91
CA ASN A 53 17.34 36.04 3.84
C ASN A 53 16.48 34.78 3.94
N THR A 54 15.66 34.55 2.92
CA THR A 54 14.62 33.52 3.01
C THR A 54 14.94 32.25 2.24
N ASN A 55 15.83 32.34 1.25
CA ASN A 55 16.14 31.23 0.35
C ASN A 55 14.90 30.70 -0.37
N GLY A 56 13.86 31.52 -0.46
CA GLY A 56 12.64 31.13 -1.11
C GLY A 56 11.66 30.44 -0.18
N VAL A 57 12.01 30.35 1.10
CA VAL A 57 11.18 29.66 2.07
C VAL A 57 10.85 30.53 3.28
N ILE A 58 9.58 30.53 3.68
CA ILE A 58 9.14 31.26 4.87
C ILE A 58 8.52 30.31 5.89
N THR A 59 8.03 30.87 6.99
CA THR A 59 7.39 30.05 8.03
C THR A 59 5.87 30.24 8.00
N LYS A 60 5.18 29.54 8.89
CA LYS A 60 3.72 29.63 8.96
C LYS A 60 3.29 30.98 9.53
N ASP A 61 4.05 31.48 10.49
CA ASP A 61 3.77 32.78 11.09
C ASP A 61 4.01 33.90 10.08
N GLU A 62 5.09 33.79 9.31
CA GLU A 62 5.39 34.75 8.27
C GLU A 62 4.35 34.68 7.16
N ALA A 63 3.72 33.52 7.01
CA ALA A 63 2.70 33.32 6.01
C ALA A 63 1.40 34.03 6.40
N GLU A 64 1.02 33.91 7.67
CA GLU A 64 -0.18 34.56 8.17
C GLU A 64 0.04 36.06 8.33
N LYS A 65 1.29 36.46 8.53
CA LYS A 65 1.64 37.87 8.62
C LYS A 65 1.49 38.56 7.27
N LEU A 66 2.00 37.91 6.21
CA LEU A 66 1.84 38.42 4.86
C LEU A 66 0.37 38.34 4.43
N PHE A 67 -0.31 37.32 4.92
CA PHE A 67 -1.71 37.09 4.57
C PHE A 67 -2.60 38.23 5.09
N ASN A 68 -2.38 38.62 6.34
CA ASN A 68 -3.17 39.67 6.95
C ASN A 68 -2.87 41.03 6.31
N GLN A 69 -1.65 41.19 5.83
CA GLN A 69 -1.25 42.42 5.13
C GLN A 69 -1.95 42.49 3.78
N ASP A 70 -1.95 41.40 3.05
CA ASP A 70 -2.56 41.33 1.72
C ASP A 70 -4.07 41.57 1.78
N VAL A 71 -4.71 41.04 2.81
CA VAL A 71 -6.13 41.26 3.02
C VAL A 71 -6.41 42.73 3.28
N ASP A 72 -5.62 43.32 4.16
CA ASP A 72 -5.74 44.73 4.51
C ASP A 72 -5.45 45.62 3.30
N ALA A 73 -4.44 45.25 2.53
CA ALA A 73 -4.06 46.00 1.34
C ALA A 73 -5.13 45.92 0.27
N ALA A 74 -5.96 44.88 0.34
CA ALA A 74 -7.06 44.71 -0.59
C ALA A 74 -8.24 45.58 -0.20
N VAL A 75 -8.51 45.65 1.10
CA VAL A 75 -9.59 46.47 1.62
C VAL A 75 -9.31 47.95 1.40
N ARG A 76 -8.07 48.37 1.69
CA ARG A 76 -7.64 49.74 1.44
C ARG A 76 -7.76 50.09 -0.03
N GLY A 77 -7.47 49.13 -0.89
CA GLY A 77 -7.53 49.32 -2.32
C GLY A 77 -8.95 49.49 -2.84
N ILE A 78 -9.92 48.96 -2.08
CA ILE A 78 -11.32 49.10 -2.42
C ILE A 78 -11.85 50.45 -1.98
N LEU A 79 -11.53 50.82 -0.74
CA LEU A 79 -11.98 52.08 -0.17
C LEU A 79 -11.43 53.29 -0.93
N ARG A 80 -10.22 53.15 -1.47
CA ARG A 80 -9.58 54.23 -2.20
C ARG A 80 -10.09 54.32 -3.63
N ASN A 81 -10.69 53.24 -4.11
CA ASN A 81 -11.24 53.21 -5.46
C ASN A 81 -12.66 53.78 -5.49
N ALA A 82 -12.89 54.75 -6.36
CA ALA A 82 -14.16 55.48 -6.40
C ALA A 82 -15.27 54.70 -7.11
N LYS A 83 -14.91 53.59 -7.75
CA LYS A 83 -15.90 52.79 -8.46
C LYS A 83 -16.20 51.50 -7.70
N LEU A 84 -15.33 51.14 -6.76
CA LEU A 84 -15.51 49.93 -5.97
C LEU A 84 -16.13 50.22 -4.61
N LYS A 85 -15.83 51.39 -4.05
CA LYS A 85 -16.30 51.75 -2.72
C LYS A 85 -17.83 51.79 -2.54
N PRO A 86 -18.56 52.37 -3.52
CA PRO A 86 -20.02 52.36 -3.30
C PRO A 86 -20.61 50.95 -3.34
N VAL A 87 -20.00 50.06 -4.10
CA VAL A 87 -20.45 48.67 -4.17
C VAL A 87 -20.16 47.95 -2.86
N TYR A 88 -18.95 48.12 -2.35
CA TYR A 88 -18.52 47.50 -1.10
C TYR A 88 -19.40 47.93 0.06
N ASP A 89 -19.74 49.21 0.12
CA ASP A 89 -20.60 49.74 1.17
C ASP A 89 -22.01 49.18 1.06
N SER A 90 -22.44 48.91 -0.18
CA SER A 90 -23.77 48.39 -0.44
C SER A 90 -23.93 46.94 -0.01
N LEU A 91 -22.86 46.17 -0.12
CA LEU A 91 -22.90 44.73 0.15
C LEU A 91 -22.90 44.41 1.64
N ASP A 92 -23.46 43.26 1.99
CA ASP A 92 -23.44 42.76 3.36
C ASP A 92 -22.09 42.15 3.69
N ALA A 93 -21.91 41.76 4.95
CA ALA A 93 -20.63 41.27 5.45
C ALA A 93 -20.10 40.08 4.65
N VAL A 94 -20.99 39.14 4.31
CA VAL A 94 -20.60 37.97 3.54
C VAL A 94 -20.24 38.35 2.11
N ARG A 95 -21.09 39.15 1.47
CA ARG A 95 -20.86 39.57 0.10
C ARG A 95 -19.68 40.53 -0.01
N ARG A 96 -19.38 41.23 1.08
CA ARG A 96 -18.19 42.08 1.13
C ARG A 96 -16.94 41.23 0.94
N ALA A 97 -16.89 40.11 1.64
CA ALA A 97 -15.76 39.19 1.57
C ALA A 97 -15.55 38.65 0.16
N ALA A 98 -16.65 38.43 -0.55
CA ALA A 98 -16.59 37.96 -1.92
C ALA A 98 -15.94 39.00 -2.82
N LEU A 99 -16.23 40.28 -2.56
CA LEU A 99 -15.64 41.37 -3.32
C LEU A 99 -14.16 41.51 -2.97
N ILE A 100 -13.83 41.35 -1.69
CA ILE A 100 -12.45 41.38 -1.23
C ILE A 100 -11.67 40.24 -1.88
N ASN A 101 -12.33 39.10 -2.04
CA ASN A 101 -11.72 37.93 -2.66
C ASN A 101 -11.23 38.22 -4.08
N MET A 102 -12.09 38.81 -4.89
CA MET A 102 -11.76 39.13 -6.27
C MET A 102 -10.62 40.14 -6.35
N VAL A 103 -10.67 41.15 -5.49
CA VAL A 103 -9.64 42.18 -5.44
C VAL A 103 -8.32 41.59 -4.94
N PHE A 104 -8.41 40.65 -4.02
CA PHE A 104 -7.24 39.93 -3.53
C PHE A 104 -6.57 39.17 -4.68
N GLN A 105 -7.39 38.75 -5.63
CA GLN A 105 -6.96 37.88 -6.72
C GLN A 105 -6.53 38.66 -7.97
N MET A 106 -7.30 39.70 -8.31
CA MET A 106 -7.07 40.40 -9.57
C MET A 106 -6.61 41.85 -9.40
N GLY A 107 -6.65 42.35 -8.17
CA GLY A 107 -6.27 43.72 -7.90
C GLY A 107 -7.45 44.67 -7.97
N GLU A 108 -7.27 45.87 -7.46
CA GLU A 108 -8.35 46.85 -7.41
C GLU A 108 -8.74 47.37 -8.80
N THR A 109 -7.74 47.59 -9.65
CA THR A 109 -7.99 48.14 -10.98
C THR A 109 -8.46 47.07 -11.96
N GLY A 110 -8.30 45.81 -11.57
CA GLY A 110 -8.74 44.70 -12.39
C GLY A 110 -10.20 44.37 -12.18
N VAL A 111 -10.66 44.53 -10.94
CA VAL A 111 -12.04 44.27 -10.59
C VAL A 111 -12.93 45.43 -11.06
N ALA A 112 -12.38 46.63 -11.05
CA ALA A 112 -13.12 47.82 -11.45
C ALA A 112 -13.57 47.76 -12.91
N GLY A 113 -12.90 46.92 -13.70
CA GLY A 113 -13.23 46.77 -15.10
C GLY A 113 -14.57 46.10 -15.33
N PHE A 114 -15.01 45.31 -14.35
CA PHE A 114 -16.30 44.62 -14.42
C PHE A 114 -17.46 45.61 -14.25
N THR A 115 -17.60 46.53 -15.19
CA THR A 115 -18.60 47.59 -15.09
C THR A 115 -20.02 47.07 -15.01
N ASN A 116 -20.36 46.13 -15.88
CA ASN A 116 -21.71 45.61 -15.96
C ASN A 116 -22.14 44.84 -14.72
N SER A 117 -21.26 43.98 -14.21
CA SER A 117 -21.58 43.17 -13.04
C SER A 117 -21.50 43.96 -11.75
N LEU A 118 -20.66 45.00 -11.73
CA LEU A 118 -20.56 45.88 -10.58
C LEU A 118 -21.83 46.69 -10.42
N ARG A 119 -22.44 47.06 -11.54
CA ARG A 119 -23.70 47.78 -11.52
C ARG A 119 -24.81 46.89 -10.98
N MET A 120 -24.91 45.69 -11.55
CA MET A 120 -25.91 44.70 -11.12
C MET A 120 -25.71 44.32 -9.65
N LEU A 121 -24.48 44.46 -9.18
CA LEU A 121 -24.15 44.16 -7.79
C LEU A 121 -24.66 45.25 -6.87
N GLN A 122 -24.50 46.50 -7.29
CA GLN A 122 -24.95 47.64 -6.50
C GLN A 122 -26.47 47.75 -6.54
N GLN A 123 -27.07 47.30 -7.65
CA GLN A 123 -28.52 47.26 -7.78
C GLN A 123 -29.10 46.11 -6.98
N LYS A 124 -28.22 45.33 -6.37
CA LYS A 124 -28.59 44.18 -5.54
C LYS A 124 -29.40 43.14 -6.30
N ARG A 125 -29.26 43.13 -7.62
CA ARG A 125 -29.87 42.11 -8.45
C ARG A 125 -28.85 40.98 -8.63
N TRP A 126 -28.83 40.06 -7.67
CA TRP A 126 -27.77 39.07 -7.56
C TRP A 126 -27.72 38.07 -8.71
N ASP A 127 -28.85 37.47 -9.04
CA ASP A 127 -28.92 36.45 -10.10
C ASP A 127 -28.46 36.99 -11.45
N GLU A 128 -28.61 38.29 -11.65
CA GLU A 128 -28.15 38.95 -12.86
C GLU A 128 -26.63 38.93 -12.96
N ALA A 129 -25.98 39.43 -11.91
CA ALA A 129 -24.53 39.50 -11.87
C ALA A 129 -23.89 38.12 -11.75
N ALA A 130 -24.69 37.14 -11.34
CA ALA A 130 -24.21 35.78 -11.18
C ALA A 130 -23.83 35.16 -12.51
N VAL A 131 -24.70 35.32 -13.50
CA VAL A 131 -24.45 34.77 -14.84
C VAL A 131 -23.64 35.76 -15.67
N ASN A 132 -23.59 37.01 -15.21
CA ASN A 132 -22.83 38.04 -15.90
C ASN A 132 -21.34 37.94 -15.60
N LEU A 133 -21.02 37.44 -14.41
CA LEU A 133 -19.63 37.24 -14.00
C LEU A 133 -19.05 35.97 -14.60
N ALA A 134 -19.93 35.02 -14.92
CA ALA A 134 -19.50 33.75 -15.51
C ALA A 134 -19.01 33.96 -16.94
N LYS A 135 -19.42 35.06 -17.55
CA LYS A 135 -19.00 35.39 -18.91
C LYS A 135 -17.78 36.30 -18.91
N SER A 136 -16.72 35.85 -18.24
CA SER A 136 -15.48 36.61 -18.17
C SER A 136 -14.27 35.68 -18.16
N ARG A 137 -13.09 36.24 -18.42
CA ARG A 137 -11.87 35.44 -18.46
C ARG A 137 -11.53 34.90 -17.07
N TRP A 138 -11.96 35.64 -16.05
CA TRP A 138 -11.75 35.24 -14.66
C TRP A 138 -12.44 33.91 -14.37
N TYR A 139 -13.57 33.68 -15.04
CA TYR A 139 -14.32 32.45 -14.86
C TYR A 139 -13.69 31.30 -15.63
N ASN A 140 -13.22 31.59 -16.84
CA ASN A 140 -12.62 30.57 -17.69
C ASN A 140 -11.25 30.13 -17.19
N GLN A 141 -10.51 31.06 -16.59
CA GLN A 141 -9.17 30.77 -16.07
C GLN A 141 -9.25 29.96 -14.78
N THR A 142 -10.10 30.41 -13.86
CA THR A 142 -10.28 29.73 -12.59
C THR A 142 -11.74 29.36 -12.37
N PRO A 143 -12.20 28.28 -13.00
CA PRO A 143 -13.61 27.87 -12.96
C PRO A 143 -14.09 27.45 -11.56
N ASN A 144 -13.27 26.66 -10.86
CA ASN A 144 -13.65 26.16 -9.54
C ASN A 144 -13.78 27.28 -8.51
N ARG A 145 -12.88 28.25 -8.57
CA ARG A 145 -12.86 29.34 -7.60
C ARG A 145 -13.93 30.39 -7.91
N ALA A 146 -14.08 30.73 -9.19
CA ALA A 146 -15.04 31.73 -9.60
C ALA A 146 -16.47 31.32 -9.26
N LYS A 147 -16.75 30.02 -9.39
CA LYS A 147 -18.07 29.51 -9.05
C LYS A 147 -18.36 29.66 -7.56
N ARG A 148 -17.31 29.55 -6.74
CA ARG A 148 -17.45 29.70 -5.30
C ARG A 148 -17.69 31.16 -4.91
N VAL A 149 -16.99 32.07 -5.58
CA VAL A 149 -17.15 33.50 -5.31
C VAL A 149 -18.49 34.01 -5.81
N ILE A 150 -18.85 33.60 -7.03
CA ILE A 150 -20.13 33.98 -7.62
C ILE A 150 -21.31 33.48 -6.79
N THR A 151 -21.20 32.25 -6.30
CA THR A 151 -22.23 31.65 -5.45
C THR A 151 -22.40 32.46 -4.17
N THR A 152 -21.28 32.84 -3.57
CA THR A 152 -21.30 33.65 -2.35
C THR A 152 -21.95 35.01 -2.61
N PHE A 153 -21.79 35.50 -3.84
CA PHE A 153 -22.34 36.79 -4.24
C PHE A 153 -23.85 36.77 -4.42
N ARG A 154 -24.36 35.68 -4.98
CA ARG A 154 -25.78 35.60 -5.30
C ARG A 154 -26.62 35.05 -4.16
N THR A 155 -25.98 34.36 -3.22
CA THR A 155 -26.69 33.76 -2.11
C THR A 155 -26.48 34.53 -0.80
N GLY A 156 -25.29 35.11 -0.65
CA GLY A 156 -24.95 35.84 0.55
C GLY A 156 -24.62 34.91 1.70
N THR A 157 -24.36 33.65 1.37
CA THR A 157 -24.06 32.64 2.37
C THR A 157 -22.67 32.04 2.14
N TRP A 158 -22.29 31.10 2.99
CA TRP A 158 -20.99 30.45 2.89
C TRP A 158 -21.12 29.01 2.43
N ASP A 159 -22.26 28.70 1.81
CA ASP A 159 -22.57 27.34 1.39
C ASP A 159 -21.62 26.83 0.31
N ALA A 160 -21.03 27.75 -0.44
CA ALA A 160 -20.08 27.38 -1.49
C ALA A 160 -18.75 26.93 -0.88
N TYR A 161 -18.48 27.37 0.34
CA TYR A 161 -17.25 27.02 1.03
C TYR A 161 -17.50 26.00 2.14
N ALA A 162 -18.66 25.37 2.11
CA ALA A 162 -19.03 24.39 3.12
C ALA A 162 -18.54 23.00 2.76
N ALA A 163 -18.07 22.85 1.52
CA ALA A 163 -17.62 21.57 1.02
C ALA A 163 -16.32 21.13 1.70
N ASP A 164 -15.47 22.10 2.03
CA ASP A 164 -14.17 21.81 2.62
C ASP A 164 -14.30 21.06 3.94
N GLU A 165 -15.26 21.45 4.76
CA GLU A 165 -15.49 20.80 6.05
C GLU A 165 -16.04 19.39 5.87
N VAL A 166 -16.87 19.22 4.84
CA VAL A 166 -17.49 17.93 4.55
C VAL A 166 -16.44 16.90 4.14
N TRP A 167 -15.52 17.30 3.26
CA TRP A 167 -14.47 16.40 2.79
C TRP A 167 -13.47 16.08 3.89
N VAL A 168 -13.30 17.01 4.83
CA VAL A 168 -12.39 16.79 5.96
C VAL A 168 -12.97 15.79 6.95
N VAL A 169 -14.21 16.01 7.37
CA VAL A 169 -14.86 15.11 8.31
C VAL A 169 -15.15 13.77 7.62
N GLY A 170 -15.33 13.80 6.30
CA GLY A 170 -15.54 12.59 5.53
C GLY A 170 -14.25 11.80 5.43
N MET A 171 -13.14 12.51 5.25
CA MET A 171 -11.83 11.88 5.20
C MET A 171 -11.44 11.36 6.58
N GLY A 172 -11.91 12.03 7.61
CA GLY A 172 -11.69 11.60 8.98
C GLY A 172 -12.41 10.30 9.25
N ILE A 173 -13.55 10.12 8.58
CA ILE A 173 -14.33 8.89 8.71
C ILE A 173 -13.61 7.72 8.06
N VAL A 174 -13.22 7.90 6.80
CA VAL A 174 -12.58 6.82 6.04
C VAL A 174 -11.22 6.46 6.64
N MET A 175 -10.56 7.44 7.25
CA MET A 175 -9.29 7.18 7.92
C MET A 175 -9.50 6.33 9.17
N SER A 176 -10.59 6.59 9.88
CA SER A 176 -10.95 5.80 11.06
C SER A 176 -11.21 4.36 10.67
N LEU A 177 -11.90 4.17 9.54
CA LEU A 177 -12.23 2.85 9.04
C LEU A 177 -10.97 2.07 8.66
N ILE A 178 -10.04 2.75 7.99
CA ILE A 178 -8.76 2.15 7.64
C ILE A 178 -8.02 1.67 8.88
N VAL A 179 -7.90 2.55 9.86
CA VAL A 179 -7.26 2.21 11.14
C VAL A 179 -7.93 1.00 11.78
N LEU A 180 -9.26 0.99 11.74
CA LEU A 180 -10.03 -0.09 12.34
C LEU A 180 -9.84 -1.40 11.57
N ALA A 181 -9.80 -1.30 10.24
CA ALA A 181 -9.66 -2.48 9.39
C ALA A 181 -8.29 -3.14 9.58
N ILE A 182 -7.25 -2.32 9.65
CA ILE A 182 -5.89 -2.82 9.80
C ILE A 182 -5.69 -3.49 11.16
N VAL A 183 -6.15 -2.84 12.22
CA VAL A 183 -6.00 -3.36 13.57
C VAL A 183 -6.83 -4.62 13.78
N PHE A 184 -8.13 -4.53 13.49
CA PHE A 184 -9.03 -5.67 13.63
C PHE A 184 -8.56 -6.84 12.77
N GLY A 185 -8.09 -6.54 11.57
CA GLY A 185 -7.62 -7.55 10.65
C GLY A 185 -6.42 -8.32 11.17
N ASN A 186 -5.36 -7.60 11.53
CA ASN A 186 -4.11 -8.23 11.90
C ASN A 186 -4.10 -8.78 13.33
N VAL A 187 -4.84 -8.15 14.24
CA VAL A 187 -4.97 -8.68 15.60
C VAL A 187 -5.61 -10.06 15.53
N LEU A 188 -6.68 -10.15 14.73
CA LEU A 188 -7.40 -11.40 14.54
C LEU A 188 -6.47 -12.47 13.95
N VAL A 189 -5.59 -12.05 13.05
CA VAL A 189 -4.64 -12.96 12.42
C VAL A 189 -3.58 -13.45 13.41
N ILE A 190 -2.92 -12.52 14.09
CA ILE A 190 -1.88 -12.86 15.05
C ILE A 190 -2.45 -13.70 16.20
N THR A 191 -3.66 -13.37 16.63
CA THR A 191 -4.32 -14.10 17.70
C THR A 191 -4.61 -15.54 17.29
N ALA A 192 -5.12 -15.70 16.07
CA ALA A 192 -5.50 -17.02 15.56
C ALA A 192 -4.31 -17.96 15.47
N ILE A 193 -3.22 -17.47 14.89
CA ILE A 193 -2.03 -18.29 14.70
C ILE A 193 -1.37 -18.62 16.03
N ALA A 194 -1.37 -17.66 16.95
CA ALA A 194 -0.76 -17.86 18.26
C ALA A 194 -1.54 -18.86 19.11
N LYS A 195 -2.86 -18.72 19.11
CA LYS A 195 -3.72 -19.53 19.96
C LYS A 195 -3.83 -20.98 19.49
N PHE A 196 -3.90 -21.17 18.18
CA PHE A 196 -4.08 -22.50 17.61
C PHE A 196 -2.78 -23.05 17.03
N GLU A 197 -2.32 -24.17 17.59
CA GLU A 197 -1.03 -24.75 17.23
C GLU A 197 -1.01 -25.37 15.83
N ARG A 198 -2.20 -25.67 15.31
CA ARG A 198 -2.32 -26.29 13.99
C ARG A 198 -1.96 -25.31 12.87
N LEU A 199 -2.09 -24.02 13.15
CA LEU A 199 -1.82 -22.99 12.16
C LEU A 199 -0.34 -22.60 12.12
N GLN A 200 0.39 -22.95 13.18
CA GLN A 200 1.79 -22.56 13.30
C GLN A 200 2.68 -23.34 12.35
N THR A 201 2.66 -22.96 11.08
CA THR A 201 3.52 -23.56 10.07
C THR A 201 4.68 -22.62 9.75
N VAL A 202 5.60 -23.09 8.91
CA VAL A 202 6.74 -22.26 8.51
C VAL A 202 6.27 -21.04 7.71
N THR A 203 5.37 -21.27 6.76
CA THR A 203 4.80 -20.20 5.97
C THR A 203 4.03 -19.21 6.84
N ASN A 204 3.23 -19.75 7.76
CA ASN A 204 2.41 -18.92 8.63
C ASN A 204 3.21 -18.20 9.72
N TYR A 205 4.47 -18.59 9.91
CA TYR A 205 5.33 -17.87 10.83
C TYR A 205 5.77 -16.56 10.21
N PHE A 206 5.87 -16.56 8.89
CA PHE A 206 6.21 -15.35 8.15
C PHE A 206 5.02 -14.39 8.16
N ILE A 207 3.82 -14.94 8.06
CA ILE A 207 2.61 -14.14 8.07
C ILE A 207 2.42 -13.44 9.41
N THR A 208 2.85 -14.09 10.49
CA THR A 208 2.83 -13.47 11.81
C THR A 208 3.73 -12.23 11.83
N SER A 209 4.92 -12.38 11.25
CA SER A 209 5.86 -11.26 11.14
C SER A 209 5.23 -10.13 10.33
N LEU A 210 4.59 -10.50 9.23
CA LEU A 210 3.89 -9.56 8.38
C LEU A 210 2.75 -8.89 9.13
N ALA A 211 1.93 -9.70 9.79
CA ALA A 211 0.78 -9.20 10.53
C ALA A 211 1.20 -8.37 11.73
N CYS A 212 2.41 -8.61 12.22
CA CYS A 212 2.96 -7.81 13.31
C CYS A 212 3.32 -6.42 12.80
N ALA A 213 4.05 -6.36 11.70
CA ALA A 213 4.43 -5.09 11.09
C ALA A 213 3.18 -4.32 10.68
N ASP A 214 2.20 -5.04 10.14
CA ASP A 214 0.95 -4.43 9.73
C ASP A 214 0.15 -3.95 10.94
N LEU A 215 0.30 -4.64 12.07
CA LEU A 215 -0.41 -4.25 13.28
C LEU A 215 0.16 -2.97 13.88
N VAL A 216 1.48 -2.93 14.01
CA VAL A 216 2.17 -1.76 14.55
C VAL A 216 1.90 -0.53 13.68
N MET A 217 1.80 -0.76 12.37
CA MET A 217 1.46 0.30 11.43
C MET A 217 0.07 0.86 11.69
N GLY A 218 -0.89 -0.03 11.94
CA GLY A 218 -2.26 0.37 12.18
C GLY A 218 -2.47 0.98 13.56
N LEU A 219 -1.53 0.74 14.46
CA LEU A 219 -1.62 1.26 15.82
C LEU A 219 -0.82 2.55 15.98
N ALA A 220 0.40 2.56 15.44
CA ALA A 220 1.31 3.68 15.64
C ALA A 220 1.35 4.64 14.46
N VAL A 221 1.57 4.12 13.27
CA VAL A 221 1.82 4.96 12.10
C VAL A 221 0.57 5.65 11.57
N VAL A 222 -0.44 4.86 11.24
CA VAL A 222 -1.66 5.38 10.59
C VAL A 222 -2.50 6.33 11.47
N PRO A 223 -2.72 6.01 12.76
CA PRO A 223 -3.54 6.94 13.54
C PRO A 223 -2.91 8.31 13.75
N PHE A 224 -1.61 8.34 14.02
CA PHE A 224 -0.91 9.61 14.23
C PHE A 224 -0.70 10.31 12.89
N GLY A 225 -0.79 9.56 11.80
CA GLY A 225 -0.71 10.13 10.47
C GLY A 225 -2.01 10.80 10.09
N ALA A 226 -3.11 10.24 10.60
CA ALA A 226 -4.44 10.79 10.33
C ALA A 226 -4.63 12.10 11.08
N ALA A 227 -4.11 12.16 12.30
CA ALA A 227 -4.20 13.38 13.11
C ALA A 227 -3.34 14.48 12.52
N HIS A 228 -2.18 14.09 11.99
CA HIS A 228 -1.25 15.04 11.39
C HIS A 228 -1.85 15.70 10.15
N ILE A 229 -2.72 14.97 9.46
CA ILE A 229 -3.34 15.46 8.24
C ILE A 229 -4.61 16.27 8.52
N LEU A 230 -5.48 15.72 9.37
CA LEU A 230 -6.74 16.36 9.71
C LEU A 230 -6.53 17.70 10.43
N THR A 231 -5.66 17.69 11.44
CA THR A 231 -5.37 18.90 12.20
C THR A 231 -4.44 19.83 11.45
N LYS A 232 -3.87 19.32 10.35
CA LYS A 232 -2.95 20.07 9.51
C LYS A 232 -1.74 20.57 10.29
N THR A 233 -1.38 19.84 11.33
CA THR A 233 -0.25 20.20 12.18
C THR A 233 0.25 19.01 12.99
N TRP A 234 1.41 19.19 13.64
CA TRP A 234 1.99 18.13 14.47
C TRP A 234 2.04 18.58 15.93
N THR A 235 1.16 18.03 16.75
CA THR A 235 1.00 18.47 18.12
C THR A 235 1.89 17.72 19.11
N PHE A 236 3.00 17.18 18.61
CA PHE A 236 3.94 16.46 19.45
C PHE A 236 5.35 17.01 19.26
N GLY A 237 6.33 16.38 19.88
CA GLY A 237 7.69 16.86 19.83
C GLY A 237 8.40 16.56 18.52
N ASN A 238 9.57 17.16 18.33
CA ASN A 238 10.43 16.81 17.21
C ASN A 238 10.99 15.41 17.41
N PHE A 239 11.11 15.02 18.68
CA PHE A 239 11.53 13.68 19.04
C PHE A 239 10.50 12.65 18.60
N TRP A 240 9.23 12.92 18.92
CA TRP A 240 8.14 12.01 18.59
C TRP A 240 7.90 11.95 17.09
N CYS A 241 8.24 13.03 16.39
CA CYS A 241 8.15 13.03 14.94
C CYS A 241 9.22 12.13 14.35
N GLU A 242 10.42 12.21 14.91
CA GLU A 242 11.55 11.41 14.43
C GLU A 242 11.42 9.96 14.88
N PHE A 243 10.56 9.73 15.87
CA PHE A 243 10.31 8.37 16.36
C PHE A 243 9.17 7.73 15.56
N TRP A 244 8.18 8.55 15.23
CA TRP A 244 7.01 8.09 14.49
C TRP A 244 7.37 7.70 13.05
N THR A 245 8.13 8.56 12.38
CA THR A 245 8.56 8.29 11.01
C THR A 245 9.51 7.09 10.95
N SER A 246 10.19 6.83 12.06
CA SER A 246 11.05 5.66 12.16
C SER A 246 10.22 4.39 12.09
N ILE A 247 9.15 4.35 12.90
CA ILE A 247 8.23 3.22 12.92
C ILE A 247 7.57 3.06 11.54
N ASP A 248 7.34 4.18 10.88
CA ASP A 248 6.81 4.18 9.52
C ASP A 248 7.71 3.35 8.62
N VAL A 249 8.94 3.84 8.40
CA VAL A 249 9.89 3.17 7.52
C VAL A 249 10.18 1.75 7.97
N LEU A 250 10.28 1.54 9.28
CA LEU A 250 10.53 0.22 9.83
C LEU A 250 9.46 -0.78 9.44
N CYS A 251 8.20 -0.43 9.71
CA CYS A 251 7.09 -1.31 9.43
C CYS A 251 6.88 -1.55 7.93
N VAL A 252 6.99 -0.48 7.14
CA VAL A 252 6.86 -0.60 5.69
C VAL A 252 7.93 -1.54 5.13
N THR A 253 9.17 -1.31 5.55
CA THR A 253 10.29 -2.15 5.12
C THR A 253 10.06 -3.60 5.55
N ALA A 254 9.68 -3.78 6.80
CA ALA A 254 9.40 -5.12 7.33
C ALA A 254 8.25 -5.78 6.61
N SER A 255 7.17 -5.02 6.38
CA SER A 255 5.99 -5.55 5.71
C SER A 255 6.29 -6.00 4.29
N ILE A 256 6.94 -5.13 3.52
CA ILE A 256 7.24 -5.44 2.12
C ILE A 256 8.26 -6.58 2.00
N GLU A 257 9.31 -6.52 2.83
CA GLU A 257 10.34 -7.57 2.79
C GLU A 257 9.77 -8.92 3.20
N THR A 258 8.87 -8.93 4.18
CA THR A 258 8.23 -10.16 4.61
C THR A 258 7.36 -10.72 3.49
N LEU A 259 6.76 -9.84 2.72
CA LEU A 259 5.99 -10.25 1.53
C LEU A 259 6.91 -10.94 0.54
N CYS A 260 8.15 -10.47 0.46
CA CYS A 260 9.14 -11.06 -0.43
C CYS A 260 9.62 -12.41 0.09
N VAL A 261 9.76 -12.51 1.40
CA VAL A 261 10.15 -13.76 2.04
C VAL A 261 9.10 -14.83 1.80
N ILE A 262 7.83 -14.46 1.92
CA ILE A 262 6.72 -15.35 1.63
C ILE A 262 6.79 -15.84 0.19
N ALA A 263 7.15 -14.93 -0.72
CA ALA A 263 7.26 -15.25 -2.14
C ALA A 263 8.33 -16.30 -2.40
N VAL A 264 9.50 -16.10 -1.81
CA VAL A 264 10.61 -17.04 -1.98
C VAL A 264 10.27 -18.36 -1.27
N ASP A 265 9.51 -18.26 -0.19
CA ASP A 265 9.06 -19.44 0.53
C ASP A 265 8.20 -20.33 -0.36
N ARG A 266 7.38 -19.72 -1.19
CA ARG A 266 6.52 -20.46 -2.08
C ARG A 266 7.30 -20.93 -3.30
N TYR A 267 8.38 -20.21 -3.62
CA TYR A 267 9.25 -20.59 -4.72
C TYR A 267 9.88 -21.96 -4.46
N PHE A 268 10.37 -22.16 -3.24
CA PHE A 268 10.97 -23.43 -2.86
C PHE A 268 9.92 -24.50 -2.64
N ALA A 269 8.70 -24.08 -2.32
CA ALA A 269 7.60 -25.02 -2.07
C ALA A 269 6.97 -25.47 -3.37
N ILE A 270 7.34 -24.82 -4.48
CA ILE A 270 6.77 -25.16 -5.78
C ILE A 270 7.80 -25.74 -6.73
N THR A 271 8.95 -25.09 -6.84
CA THR A 271 9.99 -25.53 -7.76
C THR A 271 10.72 -26.78 -7.26
N SER A 272 11.08 -26.78 -5.98
CA SER A 272 11.75 -27.93 -5.39
C SER A 272 11.03 -28.39 -4.12
N PRO A 273 9.84 -28.97 -4.27
CA PRO A 273 8.99 -29.32 -3.13
C PRO A 273 9.55 -30.46 -2.28
N PHE A 274 10.41 -31.28 -2.87
CA PHE A 274 10.98 -32.42 -2.15
C PHE A 274 12.08 -31.98 -1.19
N LYS A 275 12.56 -30.76 -1.35
CA LYS A 275 13.62 -30.24 -0.51
C LYS A 275 13.13 -29.10 0.39
N TYR A 276 11.86 -28.74 0.23
CA TYR A 276 11.28 -27.58 0.90
C TYR A 276 11.42 -27.62 2.41
N GLN A 277 11.05 -28.74 3.02
CA GLN A 277 11.04 -28.86 4.48
C GLN A 277 12.44 -29.12 5.03
N SER A 278 13.42 -29.22 4.14
CA SER A 278 14.81 -29.38 4.55
C SER A 278 15.55 -28.06 4.40
N LEU A 279 15.19 -27.29 3.37
CA LEU A 279 15.77 -25.98 3.16
C LEU A 279 15.26 -24.98 4.19
N LEU A 280 13.95 -25.02 4.45
CA LEU A 280 13.34 -24.08 5.37
C LEU A 280 12.88 -24.78 6.66
N THR A 281 13.65 -24.57 7.72
CA THR A 281 13.34 -25.11 9.03
C THR A 281 12.64 -24.06 9.87
N LYS A 282 11.96 -24.48 10.94
CA LYS A 282 11.39 -23.56 11.90
C LYS A 282 12.48 -22.65 12.46
N ASN A 283 13.65 -23.25 12.69
CA ASN A 283 14.80 -22.51 13.20
C ASN A 283 15.33 -21.50 12.19
N LYS A 284 15.48 -21.94 10.94
CA LYS A 284 15.93 -21.05 9.88
C LYS A 284 14.88 -19.97 9.61
N ALA A 285 13.63 -20.28 9.87
CA ALA A 285 12.53 -19.35 9.65
C ALA A 285 12.67 -18.12 10.54
N ARG A 286 12.89 -18.32 11.83
CA ARG A 286 13.01 -17.22 12.76
C ARG A 286 14.33 -16.48 12.55
N VAL A 287 15.30 -17.16 11.95
CA VAL A 287 16.56 -16.54 11.59
C VAL A 287 16.34 -15.54 10.46
N ILE A 288 15.47 -15.91 9.52
CA ILE A 288 15.15 -15.05 8.39
C ILE A 288 14.41 -13.79 8.85
N ILE A 289 13.39 -13.96 9.67
CA ILE A 289 12.60 -12.81 10.13
C ILE A 289 13.42 -11.95 11.08
N LEU A 290 14.43 -12.53 11.72
CA LEU A 290 15.35 -11.76 12.54
C LEU A 290 16.14 -10.81 11.65
N MET A 291 16.64 -11.35 10.54
CA MET A 291 17.39 -10.56 9.57
C MET A 291 16.51 -9.48 8.94
N VAL A 292 15.25 -9.82 8.68
CA VAL A 292 14.32 -8.87 8.08
C VAL A 292 14.15 -7.63 8.95
N TRP A 293 13.90 -7.83 10.23
CA TRP A 293 13.71 -6.71 11.16
C TRP A 293 15.05 -6.05 11.49
N ILE A 294 16.12 -6.83 11.50
CA ILE A 294 17.46 -6.27 11.68
C ILE A 294 17.77 -5.34 10.51
N VAL A 295 17.51 -5.80 9.30
CA VAL A 295 17.68 -4.97 8.11
C VAL A 295 16.77 -3.75 8.19
N SER A 296 15.49 -3.97 8.45
CA SER A 296 14.50 -2.89 8.52
C SER A 296 14.87 -1.85 9.57
N GLY A 297 15.50 -2.30 10.65
CA GLY A 297 15.98 -1.39 11.67
C GLY A 297 17.10 -0.51 11.14
N LEU A 298 17.93 -1.08 10.28
CA LEU A 298 19.07 -0.37 9.72
C LEU A 298 18.67 0.59 8.60
N THR A 299 17.41 0.52 8.19
CA THR A 299 16.90 1.42 7.15
C THR A 299 15.99 2.48 7.74
N SER A 300 15.58 2.28 8.99
CA SER A 300 14.65 3.19 9.64
C SER A 300 15.28 3.92 10.82
N PHE A 301 15.31 3.25 11.98
CA PHE A 301 15.78 3.89 13.21
C PHE A 301 17.25 4.33 13.15
N LEU A 302 18.12 3.52 12.56
CA LEU A 302 19.52 3.89 12.48
C LEU A 302 19.76 5.14 11.61
N PRO A 303 19.24 5.17 10.37
CA PRO A 303 19.53 6.38 9.59
C PRO A 303 18.77 7.62 10.07
N ILE A 304 17.57 7.42 10.62
CA ILE A 304 16.73 8.54 11.00
C ILE A 304 17.15 9.18 12.33
N GLN A 305 17.36 8.37 13.35
CA GLN A 305 17.77 8.88 14.66
C GLN A 305 19.17 9.49 14.61
N MET A 306 19.98 9.04 13.65
CA MET A 306 21.32 9.57 13.47
C MET A 306 21.32 10.74 12.48
N HIS A 307 20.13 11.10 12.02
CA HIS A 307 19.93 12.23 11.11
C HIS A 307 20.69 12.08 9.79
N TRP A 308 20.81 10.85 9.31
CA TRP A 308 21.45 10.59 8.02
C TRP A 308 20.47 10.79 6.87
N TYR A 309 19.18 10.70 7.18
CA TYR A 309 18.13 10.81 6.18
C TYR A 309 17.92 12.25 5.74
N ARG A 310 18.26 13.19 6.62
CA ARG A 310 17.88 14.59 6.47
C ARG A 310 18.37 15.24 5.19
N ALA A 311 17.46 15.97 4.53
CA ALA A 311 17.80 16.76 3.36
C ALA A 311 18.52 18.04 3.78
N THR A 312 18.94 18.83 2.79
CA THR A 312 19.75 20.01 3.08
C THR A 312 19.10 21.32 2.65
N HIS A 313 18.00 21.25 1.91
CA HIS A 313 17.34 22.47 1.45
C HIS A 313 16.63 23.19 2.58
N GLN A 314 16.35 24.47 2.38
CA GLN A 314 15.86 25.35 3.45
C GLN A 314 14.54 24.90 4.06
N GLU A 315 13.60 24.45 3.22
CA GLU A 315 12.30 24.04 3.71
C GLU A 315 12.40 22.84 4.65
N ALA A 316 13.41 22.01 4.42
CA ALA A 316 13.66 20.86 5.29
C ALA A 316 14.24 21.33 6.63
N ILE A 317 15.22 22.22 6.56
CA ILE A 317 15.87 22.74 7.74
C ILE A 317 14.87 23.41 8.69
N ASN A 318 13.94 24.17 8.10
CA ASN A 318 12.89 24.80 8.88
C ASN A 318 11.94 23.77 9.48
N CYS A 319 11.66 22.72 8.72
CA CYS A 319 10.76 21.67 9.16
C CYS A 319 11.33 20.89 10.35
N TYR A 320 12.60 20.52 10.24
CA TYR A 320 13.29 19.77 11.30
C TYR A 320 13.33 20.57 12.59
N ALA A 321 13.45 21.89 12.47
CA ALA A 321 13.58 22.76 13.63
C ALA A 321 12.23 23.17 14.21
N GLU A 322 11.19 23.11 13.38
CA GLU A 322 9.84 23.48 13.83
C GLU A 322 9.20 22.34 14.61
N GLU A 323 8.72 22.64 15.81
CA GLU A 323 8.13 21.64 16.69
C GLU A 323 6.72 21.24 16.28
N THR A 324 6.20 21.87 15.22
CA THR A 324 4.87 21.56 14.72
C THR A 324 4.92 21.07 13.28
N CYS A 325 6.12 20.93 12.74
CA CYS A 325 6.31 20.41 11.39
C CYS A 325 6.87 18.99 11.43
N CYS A 326 6.23 18.09 10.70
CA CYS A 326 6.66 16.70 10.67
C CYS A 326 6.64 16.15 9.24
N ASP A 327 7.03 16.99 8.29
CA ASP A 327 7.10 16.57 6.89
C ASP A 327 8.33 15.71 6.67
N PHE A 328 8.19 14.66 5.87
CA PHE A 328 9.25 13.67 5.68
C PHE A 328 10.18 14.05 4.53
N PHE A 329 11.07 15.00 4.79
CA PHE A 329 12.07 15.39 3.80
C PHE A 329 13.30 14.50 3.90
N THR A 330 13.69 13.91 2.78
CA THR A 330 14.85 13.03 2.74
C THR A 330 15.81 13.42 1.61
N ASN A 331 17.10 13.21 1.82
CA ASN A 331 18.09 13.49 0.78
C ASN A 331 17.98 12.45 -0.34
N GLN A 332 18.57 12.78 -1.49
CA GLN A 332 18.50 11.91 -2.66
C GLN A 332 19.12 10.54 -2.39
N ALA A 333 20.20 10.54 -1.61
CA ALA A 333 20.92 9.31 -1.31
C ALA A 333 20.07 8.34 -0.49
N TYR A 334 19.63 8.79 0.68
CA TYR A 334 18.83 7.93 1.57
C TYR A 334 17.51 7.50 0.92
N ALA A 335 16.93 8.38 0.12
CA ALA A 335 15.66 8.10 -0.54
C ALA A 335 15.75 6.89 -1.45
N ILE A 336 16.74 6.89 -2.35
CA ILE A 336 16.91 5.80 -3.30
C ILE A 336 17.58 4.60 -2.65
N ALA A 337 18.26 4.82 -1.54
CA ALA A 337 18.89 3.73 -0.80
C ALA A 337 17.83 2.95 -0.03
N SER A 338 16.91 3.66 0.60
CA SER A 338 15.83 3.03 1.36
C SER A 338 14.74 2.51 0.45
N SER A 339 14.58 3.12 -0.71
CA SER A 339 13.57 2.69 -1.67
C SER A 339 13.90 1.31 -2.23
N ILE A 340 15.13 1.14 -2.69
CA ILE A 340 15.53 -0.13 -3.29
C ILE A 340 15.63 -1.23 -2.24
N VAL A 341 15.93 -0.86 -0.99
CA VAL A 341 16.13 -1.85 0.06
C VAL A 341 14.82 -2.23 0.73
N SER A 342 13.80 -1.40 0.57
CA SER A 342 12.51 -1.67 1.21
C SER A 342 11.38 -1.85 0.20
N PHE A 343 11.72 -1.88 -1.09
CA PHE A 343 10.70 -2.12 -2.11
C PHE A 343 11.23 -2.76 -3.39
N TYR A 344 12.12 -2.07 -4.08
CA TYR A 344 12.51 -2.47 -5.43
C TYR A 344 13.25 -3.81 -5.46
N VAL A 345 14.16 -4.05 -4.52
CA VAL A 345 14.82 -5.34 -4.45
C VAL A 345 13.82 -6.46 -4.08
N PRO A 346 12.94 -6.22 -3.08
CA PRO A 346 11.86 -7.21 -2.92
C PRO A 346 11.00 -7.37 -4.18
N LEU A 347 10.74 -6.28 -4.89
CA LEU A 347 9.90 -6.32 -6.08
C LEU A 347 10.49 -7.20 -7.18
N VAL A 348 11.75 -6.97 -7.53
CA VAL A 348 12.40 -7.72 -8.60
C VAL A 348 12.54 -9.20 -8.22
N ILE A 349 12.76 -9.47 -6.94
CA ILE A 349 12.79 -10.83 -6.45
C ILE A 349 11.39 -11.45 -6.54
N MET A 350 10.38 -10.70 -6.08
CA MET A 350 9.01 -11.17 -6.10
C MET A 350 8.51 -11.45 -7.51
N VAL A 351 8.87 -10.58 -8.46
CA VAL A 351 8.47 -10.75 -9.85
C VAL A 351 9.17 -11.98 -10.45
N PHE A 352 10.44 -12.16 -10.11
CA PHE A 352 11.20 -13.30 -10.61
C PHE A 352 10.62 -14.63 -10.13
N VAL A 353 10.54 -14.80 -8.82
CA VAL A 353 10.12 -16.08 -8.25
C VAL A 353 8.66 -16.41 -8.56
N TYR A 354 7.84 -15.38 -8.76
CA TYR A 354 6.44 -15.61 -9.10
C TYR A 354 6.27 -15.88 -10.59
N SER A 355 7.23 -15.41 -11.38
CA SER A 355 7.27 -15.74 -12.80
C SER A 355 7.57 -17.22 -12.94
N ARG A 356 8.47 -17.72 -12.10
CA ARG A 356 8.81 -19.13 -12.11
CA ARG A 356 8.82 -19.13 -12.10
C ARG A 356 7.63 -19.98 -11.67
N VAL A 357 6.89 -19.51 -10.67
CA VAL A 357 5.70 -20.20 -10.21
C VAL A 357 4.63 -20.19 -11.30
N PHE A 358 4.56 -19.08 -12.03
CA PHE A 358 3.66 -18.98 -13.18
C PHE A 358 3.99 -20.03 -14.22
N GLN A 359 5.28 -20.23 -14.47
CA GLN A 359 5.73 -21.23 -15.43
C GLN A 359 5.36 -22.64 -14.97
N GLU A 360 5.66 -22.95 -13.72
CA GLU A 360 5.41 -24.27 -13.16
C GLU A 360 3.92 -24.60 -13.17
N ALA A 361 3.08 -23.58 -13.01
CA ALA A 361 1.64 -23.76 -13.05
C ALA A 361 1.17 -24.03 -14.47
N LYS A 362 1.65 -23.22 -15.41
CA LYS A 362 1.29 -23.37 -16.82
C LYS A 362 1.83 -24.67 -17.39
N ARG A 363 3.01 -25.07 -16.93
CA ARG A 363 3.62 -26.32 -17.37
C ARG A 363 2.74 -27.51 -17.03
N GLN A 364 2.27 -27.56 -15.78
CA GLN A 364 1.40 -28.62 -15.33
C GLN A 364 0.01 -28.46 -15.92
N LEU A 365 -0.34 -27.23 -16.28
CA LEU A 365 -1.63 -26.93 -16.88
C LEU A 365 -1.71 -27.50 -18.30
N GLN A 366 -0.55 -27.78 -18.88
CA GLN A 366 -0.47 -28.30 -20.25
C GLN A 366 -0.59 -29.82 -20.28
N LYS A 367 -0.25 -30.46 -19.16
CA LYS A 367 -0.25 -31.92 -19.08
C LYS A 367 -1.66 -32.50 -19.11
N ILE A 368 -2.52 -32.03 -18.21
CA ILE A 368 -3.90 -32.51 -18.15
C ILE A 368 -4.87 -31.35 -18.38
N ASP A 369 -5.95 -31.63 -19.10
CA ASP A 369 -6.90 -30.58 -19.50
C ASP A 369 -7.91 -30.22 -18.41
N LYS A 370 -8.26 -31.20 -17.56
CA LYS A 370 -9.24 -30.95 -16.51
C LYS A 370 -8.72 -31.32 -15.12
N PHE A 371 -9.46 -30.90 -14.10
CA PHE A 371 -9.15 -31.17 -12.70
C PHE A 371 -7.87 -30.49 -12.24
N YCM A 372 -7.48 -29.41 -12.93
CA YCM A 372 -6.33 -28.65 -12.56
CB YCM A 372 -5.57 -28.09 -13.76
SG YCM A 372 -4.95 -29.29 -14.91
CD YCM A 372 -3.42 -29.82 -14.22
CE YCM A 372 -3.52 -31.15 -13.48
OZ1 YCM A 372 -2.50 -31.70 -13.02
NZ2 YCM A 372 -4.75 -31.72 -13.33
C YCM A 372 -6.62 -27.52 -11.57
O YCM A 372 -6.24 -26.35 -11.74
N LEU A 373 -7.33 -27.88 -10.51
CA LEU A 373 -7.78 -26.92 -9.52
C LEU A 373 -6.62 -26.26 -8.78
N LYS A 374 -5.58 -27.03 -8.48
CA LYS A 374 -4.43 -26.51 -7.75
C LYS A 374 -3.74 -25.38 -8.52
N GLU A 375 -3.53 -25.58 -9.81
CA GLU A 375 -2.82 -24.60 -10.63
C GLU A 375 -3.70 -23.40 -10.95
N HIS A 376 -5.00 -23.63 -11.09
CA HIS A 376 -5.93 -22.53 -11.35
C HIS A 376 -6.02 -21.60 -10.13
N LYS A 377 -6.20 -22.18 -8.95
CA LYS A 377 -6.29 -21.40 -7.73
C LYS A 377 -4.95 -20.74 -7.39
N ALA A 378 -3.87 -21.33 -7.89
CA ALA A 378 -2.54 -20.75 -7.69
C ALA A 378 -2.39 -19.49 -8.51
N LEU A 379 -2.77 -19.56 -9.79
CA LEU A 379 -2.69 -18.42 -10.69
C LEU A 379 -3.57 -17.28 -10.23
N LYS A 380 -4.75 -17.60 -9.72
CA LYS A 380 -5.69 -16.60 -9.22
C LYS A 380 -5.12 -15.90 -8.00
N THR A 381 -4.58 -16.69 -7.06
CA THR A 381 -3.95 -16.12 -5.88
C THR A 381 -2.70 -15.35 -6.28
N LEU A 382 -2.00 -15.86 -7.29
CA LEU A 382 -0.79 -15.22 -7.80
C LEU A 382 -1.08 -13.81 -8.32
N GLY A 383 -2.25 -13.65 -8.92
CA GLY A 383 -2.67 -12.37 -9.46
C GLY A 383 -3.04 -11.39 -8.37
N ILE A 384 -3.81 -11.87 -7.39
CA ILE A 384 -4.24 -11.02 -6.28
C ILE A 384 -3.05 -10.50 -5.47
N ILE A 385 -2.06 -11.36 -5.27
CA ILE A 385 -0.85 -10.96 -4.55
C ILE A 385 -0.11 -9.86 -5.27
N MET A 386 0.37 -10.14 -6.47
CA MET A 386 1.14 -9.16 -7.24
C MET A 386 0.29 -7.97 -7.65
N GLY A 387 -1.01 -8.21 -7.81
CA GLY A 387 -1.93 -7.13 -8.14
C GLY A 387 -2.00 -6.09 -7.04
N THR A 388 -2.57 -6.47 -5.91
CA THR A 388 -2.79 -5.54 -4.81
C THR A 388 -1.48 -5.00 -4.22
N PHE A 389 -0.42 -5.78 -4.31
CA PHE A 389 0.86 -5.33 -3.77
C PHE A 389 1.46 -4.21 -4.61
N THR A 390 1.58 -4.44 -5.91
CA THR A 390 2.17 -3.44 -6.80
C THR A 390 1.26 -2.22 -6.96
N LEU A 391 -0.04 -2.46 -7.04
CA LEU A 391 -1.00 -1.37 -7.20
C LEU A 391 -0.98 -0.43 -5.99
N CYS A 392 -0.54 -0.95 -4.85
CA CYS A 392 -0.52 -0.16 -3.62
C CYS A 392 0.80 0.57 -3.37
N TRP A 393 1.93 -0.08 -3.67
CA TRP A 393 3.22 0.48 -3.31
C TRP A 393 4.04 1.02 -4.50
N LEU A 394 3.85 0.45 -5.68
CA LEU A 394 4.62 0.91 -6.84
C LEU A 394 4.41 2.39 -7.18
N PRO A 395 3.16 2.88 -7.20
CA PRO A 395 3.03 4.30 -7.52
C PRO A 395 3.71 5.21 -6.50
N PHE A 396 3.64 4.83 -5.23
CA PHE A 396 4.29 5.62 -4.18
C PHE A 396 5.80 5.63 -4.35
N PHE A 397 6.38 4.46 -4.57
CA PHE A 397 7.84 4.37 -4.66
C PHE A 397 8.37 4.82 -6.00
N ILE A 398 7.47 5.06 -6.95
CA ILE A 398 7.86 5.70 -8.20
C ILE A 398 8.01 7.20 -7.96
N VAL A 399 6.98 7.81 -7.37
CA VAL A 399 7.01 9.24 -7.10
C VAL A 399 7.98 9.55 -5.95
N ASN A 400 8.33 8.54 -5.18
CA ASN A 400 9.32 8.70 -4.13
C ASN A 400 10.70 8.88 -4.73
N ILE A 401 10.96 8.15 -5.82
CA ILE A 401 12.21 8.28 -6.54
C ILE A 401 12.24 9.57 -7.36
N VAL A 402 11.11 9.90 -7.96
CA VAL A 402 11.01 11.08 -8.84
C VAL A 402 11.25 12.39 -8.09
N HIS A 403 10.64 12.53 -6.91
CA HIS A 403 10.67 13.81 -6.20
C HIS A 403 12.06 14.15 -5.63
N VAL A 404 12.95 13.16 -5.59
CA VAL A 404 14.33 13.40 -5.17
C VAL A 404 15.27 13.38 -6.37
N ILE A 405 14.70 13.29 -7.56
CA ILE A 405 15.46 13.37 -8.80
C ILE A 405 15.18 14.69 -9.50
N GLN A 406 13.90 15.02 -9.63
CA GLN A 406 13.49 16.28 -10.23
C GLN A 406 12.33 16.88 -9.43
N ASP A 407 12.63 17.90 -8.65
CA ASP A 407 11.62 18.54 -7.81
C ASP A 407 10.60 19.31 -8.63
N ASN A 408 9.60 19.87 -7.95
CA ASN A 408 8.48 20.57 -8.59
C ASN A 408 7.74 19.67 -9.57
N LEU A 409 7.85 18.36 -9.38
CA LEU A 409 7.16 17.38 -10.20
C LEU A 409 6.08 16.68 -9.39
N ILE A 410 6.48 16.17 -8.23
CA ILE A 410 5.56 15.47 -7.34
C ILE A 410 5.06 16.40 -6.24
N ARG A 411 3.74 16.61 -6.21
CA ARG A 411 3.13 17.47 -5.21
C ARG A 411 3.21 16.82 -3.82
N LYS A 412 2.98 17.61 -2.79
CA LYS A 412 2.96 17.09 -1.43
C LYS A 412 1.77 16.15 -1.24
N GLU A 413 0.59 16.62 -1.64
CA GLU A 413 -0.64 15.88 -1.45
C GLU A 413 -0.62 14.51 -2.13
N VAL A 414 -0.02 14.44 -3.31
CA VAL A 414 0.00 13.18 -4.07
C VAL A 414 1.03 12.20 -3.49
N TYR A 415 2.05 12.73 -2.82
CA TYR A 415 3.00 11.88 -2.11
C TYR A 415 2.31 11.26 -0.92
N ILE A 416 1.45 12.04 -0.28
CA ILE A 416 0.70 11.58 0.89
C ILE A 416 -0.34 10.54 0.50
N LEU A 417 -1.09 10.84 -0.56
CA LEU A 417 -2.13 9.94 -1.05
C LEU A 417 -1.57 8.57 -1.42
N LEU A 418 -0.55 8.57 -2.27
CA LEU A 418 0.06 7.33 -2.73
C LEU A 418 0.74 6.58 -1.57
N ASN A 419 1.14 7.31 -0.55
CA ASN A 419 1.73 6.69 0.64
C ASN A 419 0.66 6.05 1.51
N TRP A 420 -0.53 6.66 1.51
CA TRP A 420 -1.65 6.11 2.25
C TRP A 420 -2.29 4.95 1.48
N ILE A 421 -2.10 4.94 0.17
CA ILE A 421 -2.51 3.80 -0.65
C ILE A 421 -1.64 2.60 -0.27
N GLY A 422 -0.40 2.87 0.10
CA GLY A 422 0.47 1.83 0.61
C GLY A 422 0.07 1.40 2.01
N TYR A 423 -0.46 2.34 2.77
CA TYR A 423 -0.89 2.06 4.15
C TYR A 423 -2.02 1.03 4.20
N VAL A 424 -2.97 1.15 3.28
CA VAL A 424 -4.14 0.28 3.29
C VAL A 424 -3.78 -1.15 2.85
N ASN A 425 -2.60 -1.32 2.27
CA ASN A 425 -2.12 -2.63 1.89
C ASN A 425 -1.95 -3.52 3.12
N SER A 426 -1.67 -2.88 4.26
CA SER A 426 -1.56 -3.58 5.52
C SER A 426 -2.92 -4.14 5.94
N GLY A 427 -3.99 -3.48 5.49
CA GLY A 427 -5.33 -3.95 5.77
C GLY A 427 -5.76 -5.02 4.80
N PHE A 428 -5.15 -5.02 3.62
CA PHE A 428 -5.47 -5.99 2.58
C PHE A 428 -4.78 -7.34 2.81
N ASN A 429 -3.61 -7.30 3.44
CA ASN A 429 -2.83 -8.52 3.67
C ASN A 429 -3.56 -9.64 4.42
N PRO A 430 -4.35 -9.31 5.47
CA PRO A 430 -5.10 -10.40 6.09
C PRO A 430 -6.21 -10.97 5.19
N LEU A 431 -6.54 -10.26 4.12
CA LEU A 431 -7.56 -10.73 3.19
C LEU A 431 -6.96 -11.62 2.10
N ILE A 432 -5.64 -11.68 2.06
CA ILE A 432 -4.95 -12.40 1.00
C ILE A 432 -4.24 -13.64 1.51
N TYR A 433 -3.46 -13.48 2.57
CA TYR A 433 -2.59 -14.54 3.06
C TYR A 433 -3.23 -15.38 4.16
N CYS A 434 -4.51 -15.13 4.44
CA CYS A 434 -5.21 -15.88 5.47
C CYS A 434 -6.60 -16.31 5.00
N ARG A 435 -6.63 -17.02 3.87
CA ARG A 435 -7.88 -17.45 3.27
C ARG A 435 -8.11 -18.94 3.45
N SER A 436 -7.14 -19.63 4.03
CA SER A 436 -7.20 -21.07 4.23
C SER A 436 -8.39 -21.45 5.10
N PRO A 437 -8.97 -22.63 4.85
CA PRO A 437 -10.10 -23.14 5.64
C PRO A 437 -9.80 -23.19 7.13
N ASP A 438 -8.54 -23.36 7.50
CA ASP A 438 -8.15 -23.41 8.91
C ASP A 438 -8.14 -22.02 9.53
N PHE A 439 -7.81 -21.02 8.73
CA PHE A 439 -7.89 -19.64 9.17
C PHE A 439 -9.36 -19.25 9.38
N ARG A 440 -10.20 -19.64 8.44
CA ARG A 440 -11.62 -19.32 8.49
C ARG A 440 -12.25 -19.91 9.75
N ILE A 441 -11.87 -21.14 10.09
CA ILE A 441 -12.39 -21.80 11.29
C ILE A 441 -11.89 -21.08 12.55
N ALA A 442 -10.60 -20.74 12.56
CA ALA A 442 -10.00 -20.04 13.70
C ALA A 442 -10.60 -18.66 13.88
N PHE A 443 -11.06 -18.06 12.79
CA PHE A 443 -11.66 -16.73 12.84
C PHE A 443 -13.10 -16.79 13.34
N GLN A 444 -13.84 -17.80 12.89
CA GLN A 444 -15.23 -17.95 13.31
C GLN A 444 -15.33 -18.37 14.76
N GLU A 445 -14.22 -18.85 15.32
CA GLU A 445 -14.19 -19.27 16.71
C GLU A 445 -13.87 -18.09 17.63
N LEU A 446 -12.89 -17.29 17.24
CA LEU A 446 -12.48 -16.13 18.03
C LEU A 446 -13.56 -15.07 18.07
N LEU A 447 -14.33 -14.96 16.99
CA LEU A 447 -15.39 -13.96 16.90
C LEU A 447 -16.69 -14.46 17.54
N YCM A 448 -16.79 -15.75 17.75
CA YCM A 448 -17.95 -16.33 18.39
CB YCM A 448 -18.34 -17.71 17.84
SG YCM A 448 -19.89 -17.78 16.98
CD YCM A 448 -19.48 -17.52 15.28
CE YCM A 448 -19.50 -16.07 14.87
OZ1 YCM A 448 -20.36 -15.28 15.33
NZ2 YCM A 448 -18.56 -15.62 13.98
C YCM A 448 -17.84 -16.39 19.92
O YCM A 448 -18.72 -16.86 20.65
N LEU A 449 -16.71 -15.90 20.41
CA LEU A 449 -16.44 -15.87 21.84
C LEU A 449 -17.31 -14.82 22.53
N GLN B 1 1.49 -28.81 14.37
CA GLN B 1 1.29 -28.18 13.08
C GLN B 1 0.68 -29.14 12.06
N VAL B 2 0.89 -28.84 10.78
CA VAL B 2 0.41 -29.70 9.71
C VAL B 2 1.35 -30.89 9.54
N GLN B 3 0.78 -32.08 9.34
CA GLN B 3 1.59 -33.30 9.23
C GLN B 3 1.11 -34.25 8.15
N LEU B 4 2.05 -34.73 7.34
CA LEU B 4 1.77 -35.75 6.33
C LEU B 4 2.82 -36.85 6.40
N GLN B 5 2.41 -38.04 6.83
CA GLN B 5 3.34 -39.14 6.99
C GLN B 5 3.00 -40.30 6.05
N GLU B 6 3.93 -40.64 5.17
CA GLU B 6 3.73 -41.74 4.23
C GLU B 6 4.20 -43.07 4.82
N SER B 7 3.61 -44.15 4.32
CA SER B 7 3.95 -45.50 4.76
C SER B 7 3.39 -46.53 3.79
N GLY B 8 4.18 -47.57 3.51
CA GLY B 8 3.75 -48.61 2.60
C GLY B 8 4.69 -48.78 1.42
N GLY B 9 5.80 -48.05 1.44
CA GLY B 9 6.79 -48.14 0.38
C GLY B 9 7.75 -49.28 0.62
N GLY B 10 8.96 -49.16 0.08
CA GLY B 10 9.99 -50.17 0.28
C GLY B 10 10.30 -50.95 -0.99
N LEU B 11 10.59 -52.23 -0.82
CA LEU B 11 10.98 -53.09 -1.93
C LEU B 11 9.80 -53.86 -2.51
N VAL B 12 9.91 -54.24 -3.77
CA VAL B 12 8.84 -54.95 -4.48
C VAL B 12 9.34 -55.56 -5.78
N GLN B 13 8.96 -56.81 -6.04
CA GLN B 13 9.31 -57.49 -7.29
C GLN B 13 8.67 -56.80 -8.49
N PRO B 14 9.37 -56.80 -9.63
CA PRO B 14 8.81 -56.23 -10.85
C PRO B 14 7.56 -56.97 -11.28
N GLY B 15 6.44 -56.25 -11.35
CA GLY B 15 5.15 -56.87 -11.62
C GLY B 15 4.35 -56.98 -10.33
N GLY B 16 5.01 -56.70 -9.21
CA GLY B 16 4.39 -56.77 -7.90
C GLY B 16 3.49 -55.59 -7.60
N SER B 17 3.02 -55.51 -6.36
CA SER B 17 2.07 -54.47 -5.97
C SER B 17 2.36 -53.90 -4.58
N LEU B 18 2.19 -52.58 -4.45
CA LEU B 18 2.36 -51.89 -3.18
C LEU B 18 1.17 -50.97 -2.94
N ARG B 19 0.93 -50.61 -1.68
CA ARG B 19 -0.15 -49.67 -1.36
C ARG B 19 0.36 -48.57 -0.43
N LEU B 20 0.44 -47.36 -0.96
CA LEU B 20 0.95 -46.22 -0.21
C LEU B 20 -0.15 -45.54 0.61
N SER B 21 0.13 -45.34 1.90
CA SER B 21 -0.80 -44.64 2.77
C SER B 21 -0.22 -43.28 3.15
N CYS B 22 -1.08 -42.26 3.18
CA CYS B 22 -0.67 -40.93 3.58
C CYS B 22 -1.60 -40.41 4.66
N ALA B 23 -1.11 -40.37 5.90
CA ALA B 23 -1.92 -39.90 7.03
C ALA B 23 -1.82 -38.39 7.17
N ALA B 24 -2.97 -37.74 7.36
CA ALA B 24 -3.02 -36.29 7.45
C ALA B 24 -3.63 -35.83 8.77
N SER B 25 -3.02 -34.82 9.38
CA SER B 25 -3.50 -34.28 10.64
C SER B 25 -3.10 -32.82 10.81
N GLY B 26 -4.08 -31.96 11.06
CA GLY B 26 -3.81 -30.56 11.32
C GLY B 26 -4.53 -29.59 10.41
N PHE B 27 -5.35 -30.09 9.51
CA PHE B 27 -6.10 -29.21 8.61
C PHE B 27 -7.41 -29.84 8.12
N ALA B 28 -8.25 -29.02 7.52
CA ALA B 28 -9.55 -29.47 7.02
C ALA B 28 -9.41 -30.36 5.79
N PHE B 29 -9.08 -31.62 6.05
CA PHE B 29 -8.78 -32.61 5.01
C PHE B 29 -9.83 -32.70 3.90
N SER B 30 -11.10 -32.77 4.29
CA SER B 30 -12.19 -33.04 3.35
C SER B 30 -12.28 -32.04 2.21
N SER B 31 -11.91 -30.79 2.48
CA SER B 31 -11.95 -29.75 1.45
C SER B 31 -10.57 -29.45 0.89
N TYR B 32 -9.81 -30.51 0.61
CA TYR B 32 -8.47 -30.37 0.06
C TYR B 32 -8.25 -31.29 -1.14
N GLU B 33 -7.53 -30.81 -2.13
CA GLU B 33 -7.16 -31.64 -3.28
C GLU B 33 -5.88 -32.41 -2.96
N LEU B 34 -5.91 -33.71 -3.23
CA LEU B 34 -4.78 -34.57 -2.91
C LEU B 34 -4.09 -35.11 -4.15
N ARG B 35 -2.76 -35.07 -4.14
CA ARG B 35 -1.97 -35.56 -5.27
C ARG B 35 -0.82 -36.43 -4.79
N TRP B 36 -0.38 -37.35 -5.66
CA TRP B 36 0.83 -38.12 -5.40
C TRP B 36 1.91 -37.75 -6.42
N TYR B 37 3.04 -37.26 -5.93
CA TYR B 37 4.17 -36.92 -6.79
C TYR B 37 5.29 -37.93 -6.58
N ARG B 38 6.20 -38.02 -7.54
CA ARG B 38 7.37 -38.89 -7.41
C ARG B 38 8.59 -38.24 -8.05
N GLN B 39 9.76 -38.72 -7.67
CA GLN B 39 11.01 -38.18 -8.22
C GLN B 39 12.09 -39.24 -8.32
N ALA B 40 12.38 -39.65 -9.55
CA ALA B 40 13.48 -40.58 -9.80
C ALA B 40 14.81 -39.86 -9.59
N PRO B 41 15.83 -40.59 -9.12
CA PRO B 41 17.14 -39.98 -8.84
C PRO B 41 17.76 -39.32 -10.07
N GLY B 42 18.13 -38.05 -9.94
CA GLY B 42 18.73 -37.30 -11.02
C GLY B 42 17.74 -36.89 -12.09
N LYS B 43 16.47 -36.77 -11.69
CA LYS B 43 15.42 -36.42 -12.63
C LYS B 43 14.45 -35.41 -12.04
N GLN B 44 13.71 -34.72 -12.89
CA GLN B 44 12.69 -33.77 -12.46
C GLN B 44 11.51 -34.51 -11.82
N HIS B 45 10.92 -33.91 -10.78
CA HIS B 45 9.78 -34.52 -10.13
C HIS B 45 8.55 -34.45 -11.02
N GLU B 46 7.71 -35.48 -10.95
CA GLU B 46 6.53 -35.56 -11.80
C GLU B 46 5.29 -35.98 -11.01
N LEU B 47 4.13 -35.66 -11.55
CA LEU B 47 2.86 -36.04 -10.92
C LEU B 47 2.48 -37.47 -11.27
N VAL B 48 2.14 -38.25 -10.24
CA VAL B 48 1.72 -39.63 -10.44
C VAL B 48 0.20 -39.72 -10.55
N ALA B 49 -0.48 -39.37 -9.47
CA ALA B 49 -1.94 -39.41 -9.43
C ALA B 49 -2.47 -38.24 -8.59
N GLY B 50 -3.77 -37.99 -8.71
CA GLY B 50 -4.40 -36.92 -7.96
C GLY B 50 -5.90 -37.13 -7.85
N ILE B 51 -6.46 -36.75 -6.71
CA ILE B 51 -7.90 -36.86 -6.51
C ILE B 51 -8.46 -35.56 -5.95
N THR B 52 -9.60 -35.14 -6.48
CA THR B 52 -10.24 -33.90 -6.05
C THR B 52 -11.14 -34.13 -4.85
N THR B 53 -11.85 -33.09 -4.44
CA THR B 53 -12.79 -33.20 -3.33
C THR B 53 -14.02 -33.99 -3.74
N GLY B 54 -14.41 -33.82 -5.00
CA GLY B 54 -15.57 -34.52 -5.54
C GLY B 54 -15.32 -36.01 -5.70
N GLY B 55 -14.06 -36.37 -5.89
CA GLY B 55 -13.68 -37.77 -6.07
C GLY B 55 -13.08 -38.03 -7.44
N ASN B 56 -13.04 -37.00 -8.26
CA ASN B 56 -12.42 -37.09 -9.58
C ASN B 56 -10.94 -37.44 -9.52
N THR B 57 -10.57 -38.55 -10.14
CA THR B 57 -9.17 -38.97 -10.16
C THR B 57 -8.55 -38.77 -11.54
N TYR B 58 -7.29 -38.39 -11.56
CA TYR B 58 -6.54 -38.24 -12.80
C TYR B 58 -5.12 -38.78 -12.60
N TYR B 59 -4.53 -39.32 -13.67
CA TYR B 59 -3.25 -39.99 -13.56
C TYR B 59 -2.28 -39.55 -14.64
N ALA B 60 -1.01 -39.91 -14.47
CA ALA B 60 -0.02 -39.67 -15.49
C ALA B 60 -0.16 -40.71 -16.60
N ASP B 61 0.31 -40.37 -17.79
CA ASP B 61 0.20 -41.27 -18.94
C ASP B 61 0.98 -42.57 -18.73
N SER B 62 2.04 -42.50 -17.93
CA SER B 62 2.92 -43.64 -17.73
C SER B 62 2.40 -44.64 -16.70
N VAL B 63 1.57 -44.17 -15.77
CA VAL B 63 1.04 -45.03 -14.73
C VAL B 63 -0.48 -45.18 -14.84
N LYS B 64 -1.04 -44.71 -15.95
CA LYS B 64 -2.48 -44.79 -16.17
C LYS B 64 -2.90 -46.23 -16.40
N GLY B 65 -3.85 -46.70 -15.59
CA GLY B 65 -4.37 -48.05 -15.72
C GLY B 65 -3.75 -49.02 -14.72
N ARG B 66 -2.59 -48.68 -14.21
CA ARG B 66 -1.89 -49.53 -13.24
C ARG B 66 -2.08 -49.02 -11.82
N PHE B 67 -2.03 -47.71 -11.65
CA PHE B 67 -2.12 -47.11 -10.33
C PHE B 67 -3.55 -46.64 -10.05
N THR B 68 -3.93 -46.62 -8.78
CA THR B 68 -5.27 -46.15 -8.40
C THR B 68 -5.24 -45.39 -7.07
N ILE B 69 -5.57 -44.10 -7.13
CA ILE B 69 -5.60 -43.26 -5.95
C ILE B 69 -7.02 -43.17 -5.38
N SER B 70 -7.12 -43.21 -4.06
CA SER B 70 -8.39 -43.08 -3.37
C SER B 70 -8.20 -42.31 -2.06
N ARG B 71 -9.27 -41.70 -1.57
CA ARG B 71 -9.18 -40.91 -0.34
C ARG B 71 -10.26 -41.29 0.67
N ASP B 72 -9.88 -41.24 1.94
CA ASP B 72 -10.82 -41.51 3.03
C ASP B 72 -10.87 -40.31 3.96
N ASN B 73 -11.94 -39.53 3.85
CA ASN B 73 -12.10 -38.32 4.66
C ASN B 73 -12.38 -38.64 6.12
N ALA B 74 -12.99 -39.80 6.36
CA ALA B 74 -13.31 -40.22 7.72
C ALA B 74 -12.04 -40.50 8.53
N LYS B 75 -10.98 -40.86 7.84
CA LYS B 75 -9.72 -41.19 8.51
C LYS B 75 -8.60 -40.24 8.13
N ASN B 76 -8.93 -39.22 7.33
CA ASN B 76 -7.95 -38.25 6.84
C ASN B 76 -6.74 -38.92 6.19
N THR B 77 -7.02 -39.83 5.25
CA THR B 77 -5.97 -40.61 4.62
C THR B 77 -6.21 -40.76 3.13
N VAL B 78 -5.17 -40.55 2.33
CA VAL B 78 -5.26 -40.79 0.90
C VAL B 78 -4.33 -41.96 0.53
N TYR B 79 -4.85 -42.86 -0.30
CA TYR B 79 -4.11 -44.07 -0.66
C TYR B 79 -3.68 -44.05 -2.12
N LEU B 80 -2.58 -44.75 -2.42
CA LEU B 80 -2.16 -44.96 -3.80
C LEU B 80 -1.84 -46.43 -4.02
N GLN B 81 -2.87 -47.20 -4.36
CA GLN B 81 -2.69 -48.60 -4.71
C GLN B 81 -2.04 -48.71 -6.08
N MET B 82 -0.86 -49.31 -6.14
CA MET B 82 -0.12 -49.41 -7.39
C MET B 82 0.30 -50.84 -7.70
N SER B 83 -0.22 -51.37 -8.80
CA SER B 83 0.07 -52.74 -9.22
C SER B 83 0.90 -52.77 -10.49
N ASN B 84 1.38 -53.96 -10.86
CA ASN B 84 2.19 -54.16 -12.06
C ASN B 84 3.37 -53.21 -12.11
N LEU B 85 4.12 -53.13 -11.02
CA LEU B 85 5.21 -52.17 -10.89
C LEU B 85 6.37 -52.44 -11.83
N ARG B 86 7.15 -51.40 -12.08
CA ARG B 86 8.24 -51.46 -13.04
C ARG B 86 9.50 -50.79 -12.48
N PRO B 87 10.68 -51.18 -12.97
CA PRO B 87 11.95 -50.55 -12.56
C PRO B 87 11.96 -49.04 -12.78
N GLU B 88 11.12 -48.55 -13.67
CA GLU B 88 11.02 -47.12 -13.95
C GLU B 88 10.24 -46.42 -12.84
N ASP B 89 9.36 -47.17 -12.18
CA ASP B 89 8.55 -46.63 -11.09
C ASP B 89 9.37 -46.46 -9.82
N THR B 90 10.65 -46.81 -9.89
CA THR B 90 11.55 -46.65 -8.76
C THR B 90 11.82 -45.16 -8.51
N ALA B 91 11.27 -44.64 -7.42
CA ALA B 91 11.41 -43.23 -7.08
C ALA B 91 10.96 -42.96 -5.65
N VAL B 92 11.09 -41.70 -5.22
CA VAL B 92 10.58 -41.28 -3.92
C VAL B 92 9.19 -40.69 -4.09
N TYR B 93 8.19 -41.36 -3.53
CA TYR B 93 6.80 -40.95 -3.70
C TYR B 93 6.33 -40.07 -2.54
N ALA B 94 5.77 -38.91 -2.87
CA ALA B 94 5.37 -37.94 -1.85
C ALA B 94 3.89 -37.61 -1.92
N CYS B 95 3.29 -37.46 -0.74
CA CYS B 95 1.88 -37.08 -0.61
C CYS B 95 1.76 -35.55 -0.60
N ASN B 96 0.66 -35.03 -1.15
CA ASN B 96 0.49 -33.58 -1.23
C ASN B 96 -0.96 -33.11 -1.15
N ALA B 97 -1.26 -32.35 -0.10
CA ALA B 97 -2.58 -31.74 0.05
C ALA B 97 -2.50 -30.26 -0.32
N ASN B 98 -3.56 -29.74 -0.94
CA ASN B 98 -3.53 -28.37 -1.46
C ASN B 98 -4.90 -27.70 -1.49
N TRP B 99 -4.94 -26.46 -0.99
CA TRP B 99 -6.14 -25.64 -1.08
C TRP B 99 -5.89 -24.47 -2.03
N ASP B 100 -4.97 -23.60 -1.66
CA ASP B 100 -4.51 -22.55 -2.57
C ASP B 100 -2.99 -22.52 -2.64
N LEU B 101 -2.44 -21.38 -3.05
CA LEU B 101 -1.00 -21.22 -3.19
C LEU B 101 -0.27 -21.35 -1.86
N LEU B 102 -0.88 -20.86 -0.80
CA LEU B 102 -0.24 -20.83 0.52
C LEU B 102 -0.57 -22.07 1.33
N SER B 103 -1.74 -22.66 1.08
CA SER B 103 -2.13 -23.88 1.79
C SER B 103 -1.68 -25.11 1.01
N ASP B 104 -0.37 -25.21 0.80
CA ASP B 104 0.21 -26.32 0.05
C ASP B 104 1.19 -27.11 0.90
N TYR B 105 0.75 -28.26 1.38
CA TYR B 105 1.55 -29.06 2.32
C TYR B 105 2.05 -30.37 1.70
N TRP B 106 3.28 -30.73 2.02
CA TRP B 106 3.90 -31.92 1.46
C TRP B 106 4.33 -32.91 2.54
N GLY B 107 4.49 -34.17 2.15
CA GLY B 107 4.97 -35.19 3.06
C GLY B 107 6.46 -35.37 2.92
N GLN B 108 7.05 -36.16 3.81
CA GLN B 108 8.49 -36.38 3.80
C GLN B 108 8.89 -37.23 2.59
N GLY B 109 7.95 -38.05 2.11
CA GLY B 109 8.19 -38.89 0.95
C GLY B 109 8.74 -40.25 1.33
N THR B 110 8.23 -41.29 0.67
CA THR B 110 8.69 -42.65 0.93
C THR B 110 9.37 -43.25 -0.30
N GLN B 111 10.37 -44.10 -0.07
CA GLN B 111 11.14 -44.68 -1.16
C GLN B 111 10.57 -46.00 -1.65
N VAL B 112 10.32 -46.09 -2.95
CA VAL B 112 9.85 -47.33 -3.57
C VAL B 112 10.86 -47.82 -4.59
N THR B 113 11.44 -48.99 -4.31
CA THR B 113 12.45 -49.56 -5.20
C THR B 113 11.95 -50.84 -5.86
N VAL B 114 11.96 -50.86 -7.19
CA VAL B 114 11.49 -52.02 -7.94
C VAL B 114 12.63 -52.72 -8.67
N SER B 115 12.93 -53.94 -8.24
CA SER B 115 13.94 -54.76 -8.91
C SER B 115 13.71 -56.24 -8.59
N SER B 116 14.34 -57.11 -9.37
CA SER B 116 14.15 -58.55 -9.21
C SER B 116 15.16 -59.15 -8.24
N HIS B 117 16.37 -58.58 -8.21
CA HIS B 117 17.44 -59.10 -7.36
C HIS B 117 17.41 -58.46 -5.97
N HIS B 118 16.25 -58.46 -5.33
CA HIS B 118 16.10 -57.86 -4.01
C HIS B 118 16.71 -58.74 -2.92
N HIS B 119 17.70 -58.19 -2.23
CA HIS B 119 18.46 -58.90 -1.20
C HIS B 119 19.15 -60.14 -1.73
N HIS B 120 19.37 -60.16 -3.05
CA HIS B 120 20.28 -61.12 -3.68
C HIS B 120 21.60 -60.43 -3.90
N HIS B 121 22.59 -60.74 -3.07
CA HIS B 121 23.88 -60.04 -3.12
C HIS B 121 24.87 -60.75 -4.02
N HIS B 122 24.84 -60.41 -5.31
CA HIS B 122 25.72 -61.02 -6.29
C HIS B 122 27.06 -60.31 -6.34
CAG K5Y C . 7.34 14.86 -1.22
CAE K5Y C . 6.98 15.63 -2.32
CAD K5Y C . 7.17 17.01 -2.31
CAF K5Y C . 7.72 17.61 -1.19
CAH K5Y C . 8.09 16.85 -0.09
CAZ K5Y C . 7.90 15.46 -0.10
CAV K5Y C . 8.27 14.70 1.00
CAQ K5Y C . 7.54 15.23 2.25
CAP K5Y C . 6.03 14.96 2.14
CAU K5Y C . 5.33 15.39 3.41
OAY K5Y C . 5.64 14.49 4.47
CAT K5Y C . 4.55 14.46 5.39
CAO K5Y C . 4.82 13.39 6.45
CAM K5Y C . 4.99 12.05 5.74
CAL K5Y C . 5.18 10.93 6.78
CAN K5Y C . 4.97 9.56 6.15
CAS K5Y C . 6.29 9.00 5.60
NAX K5Y C . 6.10 7.66 5.03
CAW K5Y C . 7.39 7.07 4.62
CBD K5Y C . 7.15 5.85 3.73
OAC K5Y C . 6.32 4.93 4.44
CBB K5Y C . 8.38 5.26 3.45
CAK K5Y C . 9.32 5.94 2.67
CAJ K5Y C . 8.64 3.99 3.94
CAI K5Y C . 9.87 3.40 3.66
CBA K5Y C . 10.81 4.07 2.88
OAB K5Y C . 12.02 3.52 2.60
CBC K5Y C . 10.55 5.35 2.39
CAR K5Y C . 11.50 6.00 1.63
OAA K5Y C . 12.43 6.65 2.50
MG MG D . 9.93 18.94 13.14
NI NI E . 16.64 13.37 16.22
C18 OLC F . -1.45 -9.17 -12.43
C10 OLC F . 4.68 -11.72 -12.32
C9 OLC F . 3.62 -12.44 -11.96
C17 OLC F . -0.56 -8.02 -11.99
C11 OLC F . 4.63 -10.87 -13.56
C8 OLC F . 2.37 -12.42 -12.80
C24 OLC F . -8.96 -19.13 -14.98
C16 OLC F . 0.79 -8.09 -12.68
C12 OLC F . 4.71 -9.38 -13.21
C7 OLC F . 1.44 -13.57 -12.47
C15 OLC F . 1.80 -7.14 -12.04
C13 OLC F . 3.49 -8.95 -12.39
C6 OLC F . 0.24 -13.56 -13.41
C14 OLC F . 3.21 -7.45 -12.52
C5 OLC F . -0.97 -14.29 -12.84
C4 OLC F . -2.08 -14.32 -13.89
C3 OLC F . -3.35 -15.00 -13.38
C2 OLC F . -4.29 -15.26 -14.56
C21 OLC F . -7.55 -17.22 -14.25
C1 OLC F . -5.69 -15.59 -14.08
C22 OLC F . -7.88 -18.69 -13.99
O19 OLC F . -6.44 -14.71 -13.75
O25 OLC F . -9.50 -20.39 -14.57
O23 OLC F . -6.71 -19.50 -14.15
O20 OLC F . -6.15 -16.97 -14.05
C1 HTO G . -1.45 35.22 -7.69
O1 HTO G . -0.14 34.73 -7.37
C2 HTO G . -2.47 34.82 -6.65
O2 HTO G . -2.14 35.43 -5.40
C3 HTO G . -3.91 35.17 -7.01
O3 HTO G . -4.76 34.79 -5.95
C4 HTO G . -4.43 34.54 -8.30
C5 HTO G . -4.46 35.42 -9.53
C6 HTO G . -5.19 34.82 -10.71
C7 HTO G . -5.40 35.80 -11.85
C1 OLA H . 24.23 11.78 2.40
O1 OLA H . 24.22 12.31 3.53
O2 OLA H . 23.89 12.48 1.41
C2 OLA H . 24.66 10.35 2.23
C3 OLA H . 24.07 9.53 3.36
C4 OLA H . 23.00 8.56 2.85
C5 OLA H . 22.22 7.95 4.00
C6 OLA H . 21.78 6.53 3.67
C7 OLA H . 21.99 5.61 4.86
C8 OLA H . 21.81 4.15 4.45
C9 OLA H . 20.36 3.91 4.12
C10 OLA H . 19.79 2.57 4.32
C11 OLA H . 20.55 1.34 3.89
C12 OLA H . 20.19 0.21 4.83
C13 OLA H . 20.88 -1.11 4.45
C14 OLA H . 20.45 -2.22 5.40
C15 OLA H . 21.06 -3.57 5.03
C16 OLA H . 22.46 -3.73 5.58
C17 OLA H . 23.03 -5.09 5.18
C18 OLA H . 24.33 -5.39 5.92
O22 P33 I . -1.83 43.63 -9.97
C21 P33 I . -1.58 42.68 -8.92
C20 P33 I . -2.53 41.49 -9.10
O19 P33 I . -2.60 41.16 -10.48
C18 P33 I . -3.30 39.94 -10.73
C17 P33 I . -3.62 39.84 -12.21
O16 P33 I . -2.49 40.27 -12.97
C15 P33 I . -2.82 40.46 -14.35
C14 P33 I . -1.60 40.91 -15.13
O13 P33 I . -1.23 42.24 -14.76
C12 P33 I . -0.18 42.72 -15.59
C11 P33 I . 0.24 44.13 -15.16
O10 P33 I . 0.57 44.13 -13.77
C9 P33 I . 1.39 45.23 -13.42
C8 P33 I . 1.36 45.44 -11.91
O7 P33 I . 1.84 44.28 -11.23
C6 P33 I . 1.55 44.34 -9.84
C5 P33 I . 2.14 43.12 -9.12
O4 P33 I . 3.55 43.30 -8.97
C3 P33 I . 4.06 42.51 -7.91
C2 P33 I . 5.48 42.97 -7.57
O1 P33 I . 5.85 42.46 -6.28
NI NI J . 20.35 -57.67 1.89
NI NI K . 19.32 -62.84 -8.43
#